data_6Q0U
#
_entry.id   6Q0U
#
_cell.length_a   34.590
_cell.length_b   38.090
_cell.length_c   38.450
_cell.angle_alpha   83.04
_cell.angle_beta   74.99
_cell.angle_gamma   63.66
#
_symmetry.space_group_name_H-M   'P 1'
#
loop_
_entity.id
_entity.type
_entity.pdbx_description
1 polymer Erbin
2 polymer peptide
3 non-polymer 1,2-ETHANEDIOL
4 water water
#
loop_
_entity_poly.entity_id
_entity_poly.type
_entity_poly.pdbx_seq_one_letter_code
_entity_poly.pdbx_strand_id
1 'polypeptide(L)'
;SGSMEIRVRVEKDPELGFRIAGGVGGRGNPFRPDDDGIFVTRVQPEGPASKLLQPGDKIIQANGYSFINIEHGQAISLLK
TFQNTVELIIVREV
;
A,B
2 'polypeptide(L)' YYESGWL C,D
#
loop_
_chem_comp.id
_chem_comp.type
_chem_comp.name
_chem_comp.formula
EDO non-polymer 1,2-ETHANEDIOL 'C2 H6 O2'
#
# COMPACT_ATOMS: atom_id res chain seq x y z
N GLY A 2 0.43 0.83 16.04
CA GLY A 2 0.82 0.17 14.80
C GLY A 2 1.76 0.96 13.91
N SER A 3 1.33 2.15 13.50
CA SER A 3 2.11 2.96 12.58
C SER A 3 3.47 3.36 13.16
N MET A 4 4.48 3.43 12.30
CA MET A 4 5.82 3.81 12.73
C MET A 4 6.36 4.88 11.79
N GLU A 5 7.25 5.73 12.33
CA GLU A 5 7.96 6.70 11.51
C GLU A 5 9.27 6.06 11.08
N ILE A 6 9.46 5.92 9.77
CA ILE A 6 10.62 5.27 9.18
C ILE A 6 11.42 6.30 8.38
N ARG A 7 12.75 6.20 8.44
CA ARG A 7 13.62 7.06 7.64
C ARG A 7 14.20 6.26 6.50
N VAL A 8 14.13 6.80 5.28
CA VAL A 8 14.72 6.22 4.08
C VAL A 8 15.43 7.31 3.30
N ARG A 9 16.48 6.92 2.58
CA ARG A 9 17.24 7.84 1.74
C ARG A 9 17.08 7.41 0.29
N VAL A 10 16.46 8.27 -0.52
CA VAL A 10 16.24 8.01 -1.94
C VAL A 10 17.26 8.85 -2.69
N GLU A 11 18.07 8.19 -3.52
CA GLU A 11 19.06 8.84 -4.35
C GLU A 11 18.48 9.17 -5.72
N LYS A 12 18.35 10.46 -6.05
CA LYS A 12 17.82 10.82 -7.37
C LYS A 12 18.71 10.23 -8.46
N ASP A 13 18.13 9.40 -9.33
CA ASP A 13 18.91 8.64 -10.30
C ASP A 13 18.04 8.29 -11.50
N PRO A 14 17.64 9.29 -12.32
CA PRO A 14 17.91 10.73 -12.17
C PRO A 14 16.84 11.46 -11.34
N GLU A 15 15.72 10.79 -11.11
CA GLU A 15 14.64 11.35 -10.28
C GLU A 15 14.36 10.38 -9.14
N LEU A 16 13.37 10.71 -8.29
CA LEU A 16 13.11 9.88 -7.12
C LEU A 16 12.39 8.58 -7.50
N GLY A 17 11.54 8.62 -8.53
CA GLY A 17 10.82 7.46 -8.99
C GLY A 17 9.53 7.17 -8.25
N PHE A 18 8.80 8.21 -7.85
CA PHE A 18 7.47 7.98 -7.29
C PHE A 18 6.56 9.17 -7.56
N ARG A 19 5.25 8.92 -7.44
CA ARG A 19 4.20 9.92 -7.50
C ARG A 19 3.54 10.07 -6.13
N ILE A 20 2.95 11.23 -5.90
CA ILE A 20 2.26 11.48 -4.64
C ILE A 20 0.87 12.04 -4.89
N ALA A 21 0.04 12.01 -3.84
CA ALA A 21 -1.24 12.72 -3.84
C ALA A 21 -1.44 13.32 -2.45
N GLY A 22 -2.41 14.22 -2.32
CA GLY A 22 -2.69 14.80 -1.02
C GLY A 22 -2.07 16.16 -0.85
N GLY A 23 -1.85 16.52 0.41
CA GLY A 23 -1.46 17.86 0.78
C GLY A 23 -2.66 18.76 0.97
N VAL A 24 -2.43 19.90 1.65
CA VAL A 24 -3.49 20.90 1.76
C VAL A 24 -3.84 21.38 0.36
N GLY A 25 -5.14 21.38 0.05
CA GLY A 25 -5.61 21.74 -1.28
C GLY A 25 -5.54 20.63 -2.31
N GLY A 26 -5.02 19.45 -1.94
CA GLY A 26 -4.87 18.36 -2.88
C GLY A 26 -6.10 17.51 -3.04
N ARG A 27 -7.16 17.83 -2.30
CA ARG A 27 -8.45 17.14 -2.42
C ARG A 27 -8.34 15.64 -2.13
N GLY A 28 -7.41 15.27 -1.24
CA GLY A 28 -7.40 13.93 -0.69
C GLY A 28 -6.40 12.99 -1.29
N ASN A 29 -6.69 11.69 -1.23
CA ASN A 29 -5.74 10.65 -1.61
C ASN A 29 -6.47 9.31 -1.56
N PRO A 30 -5.94 8.29 -2.25
CA PRO A 30 -6.69 7.02 -2.33
C PRO A 30 -6.65 6.18 -1.06
N PHE A 31 -5.99 6.65 0.00
CA PHE A 31 -5.80 5.82 1.20
C PHE A 31 -6.65 6.26 2.38
N ARG A 32 -6.48 7.50 2.85
CA ARG A 32 -7.19 8.00 4.02
C ARG A 32 -7.79 9.35 3.67
N PRO A 33 -9.05 9.38 3.23
CA PRO A 33 -9.60 10.63 2.69
C PRO A 33 -9.53 11.82 3.66
N ASP A 34 -9.74 11.60 4.95
CA ASP A 34 -9.78 12.70 5.91
C ASP A 34 -8.41 13.05 6.49
N ASP A 35 -7.34 12.49 5.94
CA ASP A 35 -5.97 12.87 6.23
C ASP A 35 -5.47 13.76 5.10
N ASP A 36 -5.16 15.02 5.40
CA ASP A 36 -4.76 15.94 4.35
C ASP A 36 -3.27 15.87 4.05
N GLY A 37 -2.57 14.84 4.54
CA GLY A 37 -1.15 14.69 4.35
C GLY A 37 -0.76 14.24 2.93
N ILE A 38 0.54 14.05 2.75
CA ILE A 38 1.16 13.67 1.48
C ILE A 38 1.35 12.15 1.46
N PHE A 39 0.76 11.46 0.48
CA PHE A 39 0.86 10.00 0.39
C PHE A 39 1.52 9.59 -0.92
N VAL A 40 2.45 8.63 -0.83
CA VAL A 40 3.02 8.04 -2.04
C VAL A 40 1.96 7.17 -2.72
N THR A 41 1.71 7.42 -4.01
CA THR A 41 0.70 6.67 -4.74
C THR A 41 1.26 5.60 -5.67
N ARG A 42 2.45 5.81 -6.23
CA ARG A 42 2.99 4.90 -7.22
C ARG A 42 4.50 4.91 -7.05
N VAL A 43 5.11 3.73 -7.12
CA VAL A 43 6.56 3.61 -7.05
C VAL A 43 7.01 2.91 -8.32
N GLN A 44 7.98 3.49 -9.00
CA GLN A 44 8.51 2.89 -10.23
C GLN A 44 9.25 1.61 -9.89
N PRO A 45 8.85 0.45 -10.41
CA PRO A 45 9.66 -0.76 -10.22
C PRO A 45 11.03 -0.55 -10.83
N GLU A 46 12.06 -1.00 -10.13
CA GLU A 46 13.46 -0.86 -10.51
C GLU A 46 13.92 0.60 -10.49
N GLY A 47 13.07 1.54 -10.04
CA GLY A 47 13.51 2.90 -9.81
C GLY A 47 14.18 3.09 -8.47
N PRO A 48 14.70 4.29 -8.23
CA PRO A 48 15.47 4.55 -7.00
C PRO A 48 14.70 4.34 -5.71
N ALA A 49 13.37 4.39 -5.74
CA ALA A 49 12.57 4.22 -4.53
C ALA A 49 12.05 2.80 -4.35
N SER A 50 12.38 1.87 -5.26
CA SER A 50 11.62 0.62 -5.34
C SER A 50 11.87 -0.32 -4.15
N LYS A 51 12.99 -0.16 -3.45
CA LYS A 51 13.30 -0.99 -2.30
C LYS A 51 13.06 -0.27 -0.99
N LEU A 52 12.50 0.95 -1.05
CA LEU A 52 12.48 1.88 0.08
C LEU A 52 11.09 2.39 0.43
N LEU A 53 10.33 2.79 -0.58
N LEU A 53 10.32 2.78 -0.59
CA LEU A 53 8.98 3.33 -0.40
CA LEU A 53 8.98 3.31 -0.40
C LEU A 53 7.95 2.37 -0.98
C LEU A 53 7.95 2.35 -0.98
N GLN A 54 6.69 2.56 -0.60
CA GLN A 54 5.61 1.74 -1.10
C GLN A 54 4.34 2.57 -1.14
N PRO A 55 3.43 2.29 -2.07
CA PRO A 55 2.14 3.00 -2.08
C PRO A 55 1.50 2.96 -0.70
N GLY A 56 0.91 4.08 -0.28
CA GLY A 56 0.31 4.21 1.04
C GLY A 56 1.18 4.95 2.05
N ASP A 57 2.51 4.89 1.90
CA ASP A 57 3.41 5.64 2.78
C ASP A 57 3.02 7.11 2.79
N LYS A 58 3.04 7.71 3.99
CA LYS A 58 2.79 9.13 4.17
C LYS A 58 4.10 9.86 4.48
N ILE A 59 4.47 10.81 3.62
CA ILE A 59 5.69 11.58 3.81
C ILE A 59 5.40 12.70 4.79
N ILE A 60 6.13 12.74 5.91
CA ILE A 60 5.97 13.80 6.90
C ILE A 60 7.20 14.68 7.04
N GLN A 61 8.30 14.36 6.37
CA GLN A 61 9.48 15.23 6.38
C GLN A 61 10.35 14.88 5.19
N ALA A 62 11.06 15.87 4.66
CA ALA A 62 12.01 15.63 3.58
C ALA A 62 13.20 16.55 3.76
N ASN A 63 14.39 15.99 3.95
CA ASN A 63 15.61 16.76 4.26
C ASN A 63 15.34 17.82 5.32
N GLY A 64 14.70 17.39 6.41
CA GLY A 64 14.47 18.25 7.56
C GLY A 64 13.27 19.15 7.47
N TYR A 65 12.66 19.29 6.28
CA TYR A 65 11.49 20.12 6.08
C TYR A 65 10.23 19.33 6.40
N SER A 66 9.44 19.83 7.35
CA SER A 66 8.19 19.16 7.70
C SER A 66 7.20 19.18 6.55
N PHE A 67 6.59 18.03 6.29
CA PHE A 67 5.49 17.92 5.35
C PHE A 67 4.14 17.89 6.03
N ILE A 68 4.11 18.11 7.33
CA ILE A 68 2.84 18.21 8.04
C ILE A 68 2.30 19.61 7.82
N ASN A 69 1.05 19.67 7.36
CA ASN A 69 0.35 20.92 7.01
C ASN A 69 0.87 21.56 5.74
N ILE A 70 1.54 20.80 4.88
CA ILE A 70 2.12 21.35 3.67
C ILE A 70 1.09 21.31 2.54
N GLU A 71 1.19 22.28 1.62
CA GLU A 71 0.29 22.29 0.48
C GLU A 71 0.80 21.33 -0.60
N HIS A 72 -0.14 20.94 -1.47
CA HIS A 72 0.12 19.94 -2.51
C HIS A 72 1.26 20.37 -3.44
N GLY A 73 1.14 21.54 -4.05
CA GLY A 73 2.20 22.01 -4.93
C GLY A 73 3.50 22.31 -4.21
N GLN A 74 3.41 22.80 -2.97
CA GLN A 74 4.61 23.08 -2.20
C GLN A 74 5.43 21.83 -2.00
N ALA A 75 4.76 20.71 -1.70
CA ALA A 75 5.46 19.43 -1.54
C ALA A 75 6.07 18.98 -2.87
N ILE A 76 5.33 19.12 -3.98
CA ILE A 76 5.89 18.71 -5.27
C ILE A 76 7.12 19.54 -5.58
N SER A 77 7.00 20.87 -5.42
CA SER A 77 8.13 21.74 -5.72
C SER A 77 9.34 21.41 -4.86
N LEU A 78 9.13 21.20 -3.57
CA LEU A 78 10.26 20.90 -2.70
C LEU A 78 10.98 19.65 -3.19
N LEU A 79 10.24 18.57 -3.46
CA LEU A 79 10.86 17.31 -3.88
C LEU A 79 11.57 17.47 -5.21
N LYS A 80 11.01 18.25 -6.13
CA LYS A 80 11.66 18.49 -7.41
C LYS A 80 12.98 19.26 -7.23
N THR A 81 13.05 20.14 -6.24
CA THR A 81 14.15 21.08 -6.12
C THR A 81 15.41 20.47 -5.47
N PHE A 82 15.25 19.54 -4.52
CA PHE A 82 16.41 18.85 -3.99
C PHE A 82 17.17 18.18 -5.12
N GLN A 83 18.50 18.34 -5.15
CA GLN A 83 19.27 17.94 -6.32
C GLN A 83 19.83 16.52 -6.23
N ASN A 84 20.04 15.98 -5.04
CA ASN A 84 20.67 14.67 -4.93
C ASN A 84 19.90 13.75 -4.00
N THR A 85 20.36 13.58 -2.76
CA THR A 85 19.69 12.69 -1.83
C THR A 85 18.52 13.38 -1.18
N VAL A 86 17.43 12.64 -1.05
CA VAL A 86 16.24 13.13 -0.36
C VAL A 86 16.01 12.17 0.79
N GLU A 87 16.35 12.60 2.00
CA GLU A 87 16.13 11.79 3.19
C GLU A 87 14.69 12.05 3.65
N LEU A 88 13.88 11.01 3.65
CA LEU A 88 12.47 11.13 3.97
C LEU A 88 12.16 10.46 5.29
N ILE A 89 11.25 11.07 6.07
CA ILE A 89 10.56 10.37 7.14
C ILE A 89 9.16 10.06 6.66
N ILE A 90 8.78 8.79 6.76
CA ILE A 90 7.47 8.36 6.28
C ILE A 90 6.76 7.65 7.42
N VAL A 91 5.43 7.69 7.39
CA VAL A 91 4.58 6.93 8.31
C VAL A 91 4.04 5.73 7.57
N ARG A 92 4.21 4.54 8.14
CA ARG A 92 3.81 3.31 7.48
C ARG A 92 3.17 2.37 8.49
N GLU A 93 2.10 1.71 8.07
CA GLU A 93 1.46 0.67 8.85
C GLU A 93 2.26 -0.63 8.75
N VAL A 94 2.62 -1.20 9.88
CA VAL A 94 3.38 -2.45 9.83
C VAL A 94 2.61 -3.58 10.47
N GLY B 2 -11.31 -23.11 -15.03
CA GLY B 2 -11.82 -23.26 -13.69
C GLY B 2 -11.64 -22.01 -12.84
N SER B 3 -10.38 -21.60 -12.66
CA SER B 3 -10.13 -20.42 -11.83
C SER B 3 -10.70 -19.19 -12.52
N MET B 4 -11.28 -18.30 -11.73
CA MET B 4 -11.88 -17.08 -12.25
C MET B 4 -11.44 -15.89 -11.41
N GLU B 5 -11.39 -14.72 -12.03
CA GLU B 5 -11.12 -13.48 -11.31
C GLU B 5 -12.45 -12.90 -10.87
N ILE B 6 -12.63 -12.78 -9.55
CA ILE B 6 -13.88 -12.30 -8.93
C ILE B 6 -13.57 -10.97 -8.25
N ARG B 7 -14.53 -10.05 -8.29
CA ARG B 7 -14.43 -8.77 -7.59
C ARG B 7 -15.36 -8.78 -6.39
N VAL B 8 -14.85 -8.37 -5.24
CA VAL B 8 -15.66 -8.19 -4.04
C VAL B 8 -15.28 -6.86 -3.42
N ARG B 9 -16.25 -6.24 -2.73
CA ARG B 9 -16.03 -4.99 -2.01
C ARG B 9 -16.21 -5.28 -0.52
N VAL B 10 -15.15 -5.10 0.25
CA VAL B 10 -15.20 -5.30 1.69
C VAL B 10 -15.12 -3.94 2.37
N GLU B 11 -16.13 -3.63 3.17
CA GLU B 11 -16.16 -2.38 3.91
C GLU B 11 -15.54 -2.62 5.30
N LYS B 12 -14.41 -1.97 5.55
CA LYS B 12 -13.75 -2.08 6.85
C LYS B 12 -14.67 -1.57 7.95
N ASP B 13 -14.93 -2.40 8.96
CA ASP B 13 -15.93 -2.10 9.99
C ASP B 13 -15.54 -2.79 11.29
N PRO B 14 -14.47 -2.33 11.95
CA PRO B 14 -13.57 -1.26 11.52
C PRO B 14 -12.39 -1.83 10.70
N GLU B 15 -12.28 -3.15 10.64
CA GLU B 15 -11.23 -3.83 9.89
C GLU B 15 -11.86 -4.72 8.83
N LEU B 16 -11.00 -5.40 8.05
CA LEU B 16 -11.48 -6.26 6.96
C LEU B 16 -12.03 -7.59 7.46
N GLY B 17 -11.43 -8.15 8.50
CA GLY B 17 -11.88 -9.43 9.02
C GLY B 17 -11.31 -10.66 8.33
N PHE B 18 -10.05 -10.62 7.90
CA PHE B 18 -9.40 -11.81 7.37
C PHE B 18 -7.90 -11.76 7.62
N ARG B 19 -7.28 -12.94 7.56
CA ARG B 19 -5.83 -13.10 7.58
C ARG B 19 -5.33 -13.60 6.23
N ILE B 20 -4.06 -13.34 5.96
CA ILE B 20 -3.44 -13.77 4.71
C ILE B 20 -2.12 -14.46 5.02
N ALA B 21 -1.62 -15.17 4.01
CA ALA B 21 -0.27 -15.68 4.00
C ALA B 21 0.29 -15.52 2.59
N GLY B 22 1.59 -15.71 2.45
CA GLY B 22 2.20 -15.66 1.14
C GLY B 22 2.88 -14.35 0.86
N GLY B 23 3.03 -14.07 -0.43
CA GLY B 23 3.81 -12.93 -0.89
C GLY B 23 5.29 -13.29 -1.03
N VAL B 24 6.01 -12.43 -1.77
CA VAL B 24 7.45 -12.58 -1.85
C VAL B 24 8.03 -12.42 -0.46
N GLY B 25 8.87 -13.38 -0.06
CA GLY B 25 9.42 -13.40 1.29
C GLY B 25 8.51 -14.00 2.34
N GLY B 26 7.30 -14.41 1.96
CA GLY B 26 6.30 -14.97 2.84
C GLY B 26 6.42 -16.46 3.08
N ARG B 27 7.38 -17.12 2.43
CA ARG B 27 7.69 -18.52 2.70
C ARG B 27 6.50 -19.44 2.42
N GLY B 28 5.63 -19.04 1.48
CA GLY B 28 4.61 -19.94 0.96
C GLY B 28 3.24 -19.73 1.55
N ASN B 29 2.43 -20.78 1.55
CA ASN B 29 1.02 -20.71 1.95
C ASN B 29 0.48 -22.13 1.95
N PRO B 30 -0.61 -22.39 2.69
CA PRO B 30 -1.08 -23.77 2.85
C PRO B 30 -1.79 -24.35 1.63
N PHE B 31 -1.91 -23.60 0.53
CA PHE B 31 -2.69 -24.06 -0.62
C PHE B 31 -1.81 -24.44 -1.81
N ARG B 32 -0.97 -23.52 -2.30
CA ARG B 32 -0.10 -23.76 -3.44
C ARG B 32 1.30 -23.28 -3.05
N PRO B 33 2.13 -24.19 -2.52
CA PRO B 33 3.40 -23.74 -1.92
C PRO B 33 4.32 -22.99 -2.88
N ASP B 34 4.38 -23.38 -4.15
CA ASP B 34 5.28 -22.71 -5.09
C ASP B 34 4.61 -21.56 -5.84
N ASP B 35 3.44 -21.12 -5.39
CA ASP B 35 2.80 -19.89 -5.83
C ASP B 35 3.13 -18.82 -4.80
N ASP B 36 3.83 -17.76 -5.22
CA ASP B 36 4.26 -16.72 -4.29
C ASP B 36 3.20 -15.65 -4.04
N GLY B 37 1.96 -15.88 -4.44
CA GLY B 37 0.91 -14.89 -4.28
C GLY B 37 0.40 -14.78 -2.85
N ILE B 38 -0.58 -13.88 -2.69
CA ILE B 38 -1.20 -13.60 -1.42
C ILE B 38 -2.49 -14.42 -1.35
N PHE B 39 -2.60 -15.28 -0.34
CA PHE B 39 -3.76 -16.15 -0.18
C PHE B 39 -4.46 -15.84 1.14
N VAL B 40 -5.79 -15.74 1.08
CA VAL B 40 -6.58 -15.59 2.29
C VAL B 40 -6.54 -16.91 3.05
N THR B 41 -6.16 -16.87 4.32
CA THR B 41 -6.06 -18.07 5.15
C THR B 41 -7.22 -18.24 6.13
N ARG B 42 -7.78 -17.16 6.63
CA ARG B 42 -8.82 -17.23 7.65
C ARG B 42 -9.79 -16.08 7.42
N VAL B 43 -11.08 -16.37 7.54
CA VAL B 43 -12.11 -15.35 7.42
C VAL B 43 -12.90 -15.32 8.72
N GLN B 44 -13.04 -14.13 9.29
CA GLN B 44 -13.77 -13.98 10.54
C GLN B 44 -15.25 -14.26 10.31
N PRO B 45 -15.85 -15.22 11.01
CA PRO B 45 -17.29 -15.43 10.89
C PRO B 45 -18.06 -14.18 11.28
N GLU B 46 -19.06 -13.85 10.47
CA GLU B 46 -19.93 -12.68 10.69
C GLU B 46 -19.18 -11.36 10.58
N GLY B 47 -17.88 -11.39 10.23
CA GLY B 47 -17.14 -10.18 9.99
C GLY B 47 -17.44 -9.62 8.60
N PRO B 48 -16.85 -8.46 8.31
CA PRO B 48 -17.17 -7.78 7.02
C PRO B 48 -16.84 -8.58 5.76
N ALA B 49 -15.96 -9.58 5.83
CA ALA B 49 -15.64 -10.40 4.66
C ALA B 49 -16.36 -11.73 4.66
N SER B 50 -17.22 -12.00 5.63
CA SER B 50 -17.67 -13.38 5.87
C SER B 50 -18.56 -13.93 4.77
N LYS B 51 -19.21 -13.08 3.99
CA LYS B 51 -20.05 -13.56 2.90
C LYS B 51 -19.38 -13.40 1.54
N LEU B 52 -18.12 -12.95 1.52
CA LEU B 52 -17.49 -12.47 0.29
C LEU B 52 -16.17 -13.16 -0.03
N LEU B 53 -15.36 -13.41 1.00
CA LEU B 53 -14.09 -14.07 0.81
C LEU B 53 -14.09 -15.46 1.43
N GLN B 54 -13.18 -16.31 0.96
CA GLN B 54 -13.09 -17.64 1.55
C GLN B 54 -11.63 -18.06 1.60
N PRO B 55 -11.27 -18.91 2.57
CA PRO B 55 -9.92 -19.47 2.57
C PRO B 55 -9.59 -20.04 1.21
N GLY B 56 -8.35 -19.79 0.76
CA GLY B 56 -7.89 -20.26 -0.53
C GLY B 56 -7.89 -19.19 -1.61
N ASP B 57 -8.76 -18.20 -1.50
CA ASP B 57 -8.76 -17.08 -2.46
C ASP B 57 -7.37 -16.46 -2.54
N LYS B 58 -6.95 -16.15 -3.77
CA LYS B 58 -5.69 -15.44 -3.99
C LYS B 58 -5.99 -13.99 -4.36
N ILE B 59 -5.52 -13.07 -3.54
CA ILE B 59 -5.73 -11.65 -3.77
C ILE B 59 -4.74 -11.18 -4.83
N ILE B 60 -5.24 -10.66 -5.94
CA ILE B 60 -4.36 -10.17 -6.99
C ILE B 60 -4.48 -8.67 -7.22
N GLN B 61 -5.40 -7.98 -6.54
CA GLN B 61 -5.52 -6.53 -6.64
C GLN B 61 -6.32 -6.02 -5.47
N ALA B 62 -6.01 -4.80 -5.04
CA ALA B 62 -6.74 -4.10 -3.99
C ALA B 62 -6.79 -2.62 -4.32
N ASN B 63 -8.00 -2.08 -4.48
CA ASN B 63 -8.23 -0.69 -4.87
C ASN B 63 -7.27 -0.28 -5.99
N GLY B 64 -7.20 -1.13 -7.01
CA GLY B 64 -6.42 -0.81 -8.19
C GLY B 64 -4.95 -1.13 -8.11
N TYR B 65 -4.43 -1.45 -6.93
CA TYR B 65 -3.03 -1.79 -6.75
C TYR B 65 -2.82 -3.29 -6.98
N SER B 66 -1.97 -3.62 -7.96
CA SER B 66 -1.71 -5.03 -8.26
C SER B 66 -1.00 -5.71 -7.10
N PHE B 67 -1.49 -6.91 -6.73
CA PHE B 67 -0.83 -7.75 -5.74
C PHE B 67 0.02 -8.83 -6.39
N ILE B 68 0.20 -8.76 -7.69
CA ILE B 68 1.10 -9.66 -8.38
C ILE B 68 2.53 -9.14 -8.18
N ASN B 69 3.41 -10.02 -7.69
CA ASN B 69 4.79 -9.72 -7.36
C ASN B 69 4.94 -8.89 -6.09
N ILE B 70 3.95 -8.88 -5.21
CA ILE B 70 3.97 -8.07 -4.01
C ILE B 70 4.64 -8.84 -2.86
N GLU B 71 5.31 -8.10 -1.99
CA GLU B 71 5.98 -8.67 -0.82
C GLU B 71 4.98 -8.94 0.29
N HIS B 72 5.37 -9.84 1.21
CA HIS B 72 4.48 -10.25 2.30
C HIS B 72 4.07 -9.07 3.17
N GLY B 73 5.06 -8.38 3.77
CA GLY B 73 4.73 -7.22 4.59
C GLY B 73 4.11 -6.10 3.79
N GLN B 74 4.54 -5.97 2.53
CA GLN B 74 4.02 -4.95 1.63
C GLN B 74 2.52 -5.06 1.46
N ALA B 75 2.02 -6.29 1.25
CA ALA B 75 0.59 -6.47 1.10
C ALA B 75 -0.15 -6.13 2.40
N ILE B 76 0.41 -6.53 3.54
CA ILE B 76 -0.23 -6.29 4.83
C ILE B 76 -0.35 -4.80 5.10
N SER B 77 0.72 -4.04 4.84
CA SER B 77 0.68 -2.59 5.04
C SER B 77 -0.40 -1.95 4.16
N LEU B 78 -0.47 -2.34 2.90
CA LEU B 78 -1.46 -1.74 2.01
C LEU B 78 -2.87 -1.96 2.53
N LEU B 79 -3.21 -3.21 2.86
CA LEU B 79 -4.57 -3.51 3.31
C LEU B 79 -4.89 -2.79 4.61
N LYS B 80 -3.90 -2.66 5.51
CA LYS B 80 -4.11 -1.93 6.76
C LYS B 80 -4.35 -0.44 6.51
N THR B 81 -3.72 0.14 5.49
CA THR B 81 -3.73 1.59 5.34
C THR B 81 -5.03 2.12 4.72
N PHE B 82 -5.66 1.36 3.81
CA PHE B 82 -6.95 1.78 3.27
C PHE B 82 -7.94 2.01 4.40
N GLN B 83 -8.67 3.13 4.34
CA GLN B 83 -9.47 3.52 5.50
C GLN B 83 -10.93 3.04 5.44
N ASN B 84 -11.50 2.83 4.24
CA ASN B 84 -12.92 2.47 4.18
C ASN B 84 -13.16 1.23 3.32
N THR B 85 -13.59 1.42 2.07
CA THR B 85 -13.88 0.27 1.21
C THR B 85 -12.60 -0.26 0.58
N VAL B 86 -12.49 -1.59 0.52
CA VAL B 86 -11.37 -2.24 -0.14
C VAL B 86 -11.95 -3.12 -1.24
N GLU B 87 -11.82 -2.66 -2.48
CA GLU B 87 -12.28 -3.45 -3.61
C GLU B 87 -11.17 -4.41 -3.98
N LEU B 88 -11.45 -5.71 -3.88
CA LEU B 88 -10.47 -6.74 -4.13
C LEU B 88 -10.80 -7.48 -5.42
N ILE B 89 -9.77 -7.83 -6.18
CA ILE B 89 -9.88 -8.85 -7.22
C ILE B 89 -9.21 -10.11 -6.69
N ILE B 90 -9.93 -11.23 -6.73
CA ILE B 90 -9.43 -12.50 -6.21
C ILE B 90 -9.52 -13.56 -7.30
N VAL B 91 -8.61 -14.53 -7.26
CA VAL B 91 -8.67 -15.72 -8.11
C VAL B 91 -9.23 -16.86 -7.28
N ARG B 92 -10.28 -17.50 -7.77
CA ARG B 92 -10.93 -18.56 -7.02
C ARG B 92 -11.28 -19.72 -7.94
N GLU B 93 -11.11 -20.93 -7.44
CA GLU B 93 -11.58 -22.14 -8.10
C GLU B 93 -13.07 -22.29 -7.89
N VAL B 94 -13.82 -22.45 -8.98
CA VAL B 94 -15.26 -22.59 -8.87
C VAL B 94 -15.74 -23.95 -9.37
N TYR C 1 -8.99 13.31 -6.18
CA TYR C 1 -7.80 13.87 -5.54
C TYR C 1 -6.80 14.24 -6.63
N TYR C 2 -5.86 15.11 -6.31
CA TYR C 2 -4.85 15.54 -7.28
C TYR C 2 -3.61 14.67 -7.10
N GLU C 3 -3.08 14.16 -8.21
CA GLU C 3 -1.89 13.33 -8.19
C GLU C 3 -0.78 14.05 -8.93
N SER C 4 0.41 14.04 -8.34
CA SER C 4 1.58 14.63 -8.97
C SER C 4 1.99 13.84 -10.20
N GLY C 5 2.83 14.45 -11.02
CA GLY C 5 3.56 13.70 -12.01
C GLY C 5 4.62 12.82 -11.35
N TRP C 6 5.40 12.13 -12.19
CA TRP C 6 6.51 11.35 -11.66
C TRP C 6 7.56 12.31 -11.08
N LEU C 7 7.97 12.03 -9.85
CA LEU C 7 8.99 12.83 -9.18
C LEU C 7 10.28 12.05 -9.03
N TYR D 1 5.02 -21.44 6.73
CA TYR D 1 4.72 -20.18 6.05
C TYR D 1 4.39 -19.07 7.06
N TYR D 2 4.47 -17.83 6.58
CA TYR D 2 4.20 -16.66 7.42
C TYR D 2 2.76 -16.22 7.24
N GLU D 3 2.06 -16.04 8.36
CA GLU D 3 0.67 -15.60 8.34
C GLU D 3 0.58 -14.24 9.01
N SER D 4 -0.17 -13.35 8.37
CA SER D 4 -0.44 -12.03 8.92
C SER D 4 -1.31 -12.15 10.16
N GLY D 5 -1.33 -11.08 10.94
CA GLY D 5 -2.37 -10.92 11.94
C GLY D 5 -3.72 -10.65 11.28
N TRP D 6 -4.72 -10.40 12.11
CA TRP D 6 -6.03 -10.06 11.58
C TRP D 6 -5.99 -8.69 10.89
N LEU D 7 -6.50 -8.64 9.66
CA LEU D 7 -6.59 -7.39 8.92
C LEU D 7 -8.03 -6.93 8.80
C1 EDO E . 23.30 9.62 -4.67
O1 EDO E . 24.44 10.08 -5.42
C2 EDO E . 22.30 10.74 -4.41
O2 EDO E . 21.58 10.43 -3.20
C1 EDO F . 7.46 -1.63 -6.99
O1 EDO F . 8.54 -0.72 -7.20
C2 EDO F . 6.36 -1.36 -8.01
O2 EDO F . 5.49 -0.32 -7.55
#